data_5I36
#
_entry.id   5I36
#
_cell.length_a   67.530
_cell.length_b   69.131
_cell.length_c   70.106
_cell.angle_alpha   98.19
_cell.angle_beta   97.34
_cell.angle_gamma   99.74
#
_symmetry.space_group_name_H-M   'P 1'
#
loop_
_entity.id
_entity.type
_entity.pdbx_description
1 polymer "DNA (5'-D(*GP*TP*CP*CP*TP*AP*CP*CP*TP*GP*GP*CP*AP*GP*GP*AP*CP*GP*AP*CP*T)-3')"
2 polymer 'DNA (26-MER)'
3 polymer "DNA (5'-D(*TP*CP*TP*GP*AP*TP*GP*TP*GP*GP*TP*AP*GP*G)-3')"
4 polymer "DNA (5'-D(*AP*CP*AP*GP*TP*CP*GP*TP*GP*GP*TP*AP*TP*C)-3')"
5 polymer "DNA (5'-D(*TP*GP*CP*GP*TP*AP*GP*TP*GP*GP*TP*CP*GP*C)-3')"
6 polymer "DNA (5'-D(*CP*AP*GP*AP*TP*AP*CP*CP*TP*GP*AP*TP*CP*GP*GP*AP*CP*TP*AP*CP*G)-3')"
7 polymer "DNA (5'-D(*GP*AP*GP*CP*GP*AP*CP*CP*TP*GP*TP*AP*CP*GP*GP*AP*CP*AP*TP*CP*A)-3')"
#
loop_
_entity_poly.entity_id
_entity_poly.type
_entity_poly.pdbx_seq_one_letter_code
_entity_poly.pdbx_strand_id
1 'polydeoxyribonucleotide'
;(DG)(DT)(DC)(DC)(DT)(DA)(DC)(DC)(DT)(DG)(DG)(DC)(DA)(DG)(DG)(DA)(DC)(DG)(DA)(DC)
(DT)
;
A
2 'polydeoxyribonucleotide'
;(DA)(DC)(DA)(DC)(DC)(DG)(DA)(DT)(DC)(DA)(DC)(DC)(DT)(DG)(DC)(DC)(DA)(DC)(DC)(DG)
(DT)(DG)(DT)(DC)(DT)(DA)
;
B
3 'polydeoxyribonucleotide' (DT)(DC)(DT)(DG)(DA)(DT)(DG)(DT)(DG)(DG)(DT)(DA)(DG)(DG) C
4 'polydeoxyribonucleotide' (DA)(DC)(DA)(DG)(DT)(DC)(DG)(DT)(DG)(DG)(DT)(DA)(DT)(DC) D
5 'polydeoxyribonucleotide' (DT)(DG)(DC)(DG)(DT)(DA)(DG)(DT)(DG)(DG)(DT)(DC)(DG)(DC) E
6 'polydeoxyribonucleotide'
;(DC)(DA)(DG)(DA)(DT)(DA)(DC)(DC)(DT)(DG)(DA)(DT)(DC)(DG)(DG)(DA)(DC)(DT)(DA)(DC)
(DG)
;
F
7 'polydeoxyribonucleotide'
;(DG)(DA)(DG)(DC)(DG)(DA)(DC)(DC)(DT)(DG)(DT)(DA)(DC)(DG)(DG)(DA)(DC)(DA)(DT)(DC)
(DA)
;
G
#
loop_
_chem_comp.id
_chem_comp.type
_chem_comp.name
_chem_comp.formula
DA DNA linking 2'-DEOXYADENOSINE-5'-MONOPHOSPHATE 'C10 H14 N5 O6 P'
DC DNA linking 2'-DEOXYCYTIDINE-5'-MONOPHOSPHATE 'C9 H14 N3 O7 P'
DG DNA linking 2'-DEOXYGUANOSINE-5'-MONOPHOSPHATE 'C10 H14 N5 O7 P'
DT DNA linking THYMIDINE-5'-MONOPHOSPHATE 'C10 H15 N2 O8 P'
#